data_2COV
#
_entry.id   2COV
#
_cell.length_a   66.551
_cell.length_b   78.290
_cell.length_c   111.420
_cell.angle_alpha   90.00
_cell.angle_beta   90.00
_cell.angle_gamma   90.00
#
_symmetry.space_group_name_H-M   'P 21 21 21'
#
loop_
_entity.id
_entity.type
_entity.pdbx_description
1 polymer beta-1,3-xylanase
2 water water
#
_entity_poly.entity_id   1
_entity_poly.type   'polypeptide(L)'
_entity_poly.pdbx_seq_one_letter_code
;MGTEPPENCQDDFNFNYVSDQEIEVYHVDKGWSAGWNYVCLNDYCLPGNKSNGAFRKTFNAVLGQDYKLTFKVEDRYGQG
QQILDRNITFTTQVCNLEHHHHHH
;
_entity_poly.pdbx_strand_id   D,E,F,G,H,I
#
# COMPACT_ATOMS: atom_id res chain seq x y z
N PRO A 5 4.57 24.62 27.09
CA PRO A 5 3.93 23.60 26.23
C PRO A 5 4.18 22.16 26.72
N PRO A 6 3.13 21.46 27.13
CA PRO A 6 3.43 20.22 27.85
C PRO A 6 3.78 19.07 26.92
N GLU A 7 4.36 18.03 27.48
CA GLU A 7 4.93 16.93 26.72
C GLU A 7 4.02 16.40 25.64
N ASN A 8 2.76 16.18 25.96
CA ASN A 8 1.83 15.60 25.01
C ASN A 8 1.52 16.50 23.81
N CYS A 9 1.84 17.80 23.92
CA CYS A 9 1.65 18.79 22.85
C CYS A 9 2.88 19.16 22.08
N GLN A 10 4.04 18.60 22.40
CA GLN A 10 5.28 18.98 21.75
C GLN A 10 5.45 18.53 20.30
N ASP A 11 4.98 17.35 20.01
CA ASP A 11 5.23 16.75 18.73
C ASP A 11 4.51 17.48 17.63
N ASP A 12 5.22 17.57 16.53
CA ASP A 12 4.68 18.19 15.32
C ASP A 12 3.51 17.45 14.70
N PHE A 13 3.39 16.17 14.92
CA PHE A 13 2.32 15.32 14.43
C PHE A 13 1.44 15.02 15.62
N ASN A 14 0.25 15.59 15.69
CA ASN A 14 -0.50 15.52 16.94
C ASN A 14 -1.99 15.79 16.69
N PHE A 15 -2.71 15.94 17.79
CA PHE A 15 -4.15 16.23 17.74
C PHE A 15 -4.57 17.18 18.82
N ASN A 16 -5.70 17.87 18.54
CA ASN A 16 -6.41 18.65 19.48
C ASN A 16 -7.78 18.09 19.75
N TYR A 17 -8.19 18.10 21.01
CA TYR A 17 -9.59 17.98 21.34
C TYR A 17 -10.37 19.23 20.84
N VAL A 18 -11.46 18.98 20.16
CA VAL A 18 -12.36 20.07 19.69
C VAL A 18 -13.61 20.04 20.54
N SER A 19 -14.23 18.87 20.63
CA SER A 19 -15.35 18.66 21.55
C SER A 19 -15.39 17.20 21.85
N ASP A 20 -16.33 16.77 22.67
CA ASP A 20 -16.37 15.38 23.05
C ASP A 20 -16.58 14.46 21.85
N GLN A 21 -17.07 14.91 20.70
CA GLN A 21 -17.17 13.96 19.58
C GLN A 21 -16.34 14.41 18.38
N GLU A 22 -15.39 15.32 18.54
CA GLU A 22 -14.57 15.78 17.42
C GLU A 22 -13.09 15.95 17.83
N ILE A 23 -12.23 15.43 16.99
CA ILE A 23 -10.78 15.50 17.11
C ILE A 23 -10.24 16.24 15.89
N GLU A 24 -9.27 17.15 16.10
CA GLU A 24 -8.56 17.77 14.99
C GLU A 24 -7.19 17.09 14.95
N VAL A 25 -6.87 16.56 13.82
CA VAL A 25 -5.56 15.91 13.57
C VAL A 25 -4.74 16.90 12.80
N TYR A 26 -3.49 17.09 13.15
CA TYR A 26 -2.64 18.03 12.44
C TYR A 26 -1.19 17.60 12.38
N HIS A 27 -0.50 18.18 11.39
CA HIS A 27 0.93 18.10 11.28
C HIS A 27 1.47 19.52 11.02
N VAL A 28 2.35 19.98 11.89
CA VAL A 28 3.04 21.25 11.70
C VAL A 28 3.82 21.19 10.37
N ASP A 29 3.83 22.32 9.66
CA ASP A 29 4.59 22.41 8.38
C ASP A 29 6.07 22.18 8.60
N LYS A 30 6.67 21.23 7.90
CA LYS A 30 8.12 20.95 7.93
C LYS A 30 8.79 21.25 6.60
N GLY A 31 8.08 21.93 5.70
CA GLY A 31 8.74 22.50 4.54
C GLY A 31 8.53 21.82 3.23
N TRP A 32 7.72 20.78 3.20
CA TRP A 32 7.44 20.02 1.97
C TRP A 32 6.87 20.90 0.89
N SER A 33 7.03 20.55 -0.37
CA SER A 33 6.35 21.31 -1.41
C SER A 33 4.83 21.25 -1.23
N ALA A 34 4.28 20.12 -0.85
CA ALA A 34 2.94 20.04 -0.36
C ALA A 34 1.91 20.54 -1.36
N GLY A 35 2.04 20.12 -2.63
CA GLY A 35 0.97 20.41 -3.62
C GLY A 35 -0.34 19.78 -3.28
N TRP A 36 -0.29 18.65 -2.62
CA TRP A 36 -1.46 18.00 -2.00
C TRP A 36 -1.06 17.50 -0.62
N ASN A 37 -2.08 17.27 0.23
CA ASN A 37 -1.88 16.65 1.56
C ASN A 37 -3.14 16.01 2.01
N TYR A 38 -3.02 14.95 2.78
CA TYR A 38 -4.15 14.29 3.42
C TYR A 38 -3.87 14.11 4.89
N VAL A 39 -4.91 14.36 5.67
CA VAL A 39 -4.93 14.03 7.07
C VAL A 39 -5.96 12.92 7.24
N CYS A 40 -5.63 11.90 8.03
CA CYS A 40 -6.52 10.73 8.16
C CYS A 40 -6.63 10.29 9.61
N LEU A 41 -7.79 9.72 9.89
CA LEU A 41 -8.06 9.08 11.19
C LEU A 41 -8.56 7.68 10.86
N ASN A 42 -7.84 6.67 11.34
CA ASN A 42 -8.17 5.32 11.01
C ASN A 42 -8.34 5.07 9.52
N ASP A 43 -7.45 5.68 8.73
CA ASP A 43 -7.42 5.51 7.28
C ASP A 43 -8.62 6.09 6.53
N TYR A 44 -9.41 6.93 7.21
CA TYR A 44 -10.42 7.79 6.57
C TYR A 44 -9.72 9.13 6.34
N CYS A 45 -9.49 9.44 5.08
CA CYS A 45 -8.60 10.56 4.70
C CYS A 45 -9.33 11.69 4.07
N LEU A 46 -8.91 12.92 4.45
CA LEU A 46 -9.41 14.18 3.89
C LEU A 46 -8.30 15.08 3.56
N PRO A 47 -8.49 15.91 2.54
CA PRO A 47 -7.43 16.91 2.26
C PRO A 47 -7.28 17.83 3.40
N GLY A 48 -6.06 18.11 3.86
CA GLY A 48 -5.87 18.97 4.99
C GLY A 48 -5.97 20.43 4.57
N ASN A 49 -6.42 21.24 5.49
CA ASN A 49 -6.35 22.67 5.34
C ASN A 49 -5.11 23.20 6.05
N LYS A 50 -4.33 24.04 5.41
CA LYS A 50 -3.17 24.64 5.99
C LYS A 50 -3.56 25.95 6.63
N SER A 51 -3.37 26.05 7.96
CA SER A 51 -3.68 27.28 8.70
C SER A 51 -2.83 27.40 9.87
N ASN A 52 -2.31 28.59 10.11
CA ASN A 52 -1.49 28.84 11.28
C ASN A 52 -0.36 27.88 11.47
N GLY A 53 0.27 27.52 10.35
CA GLY A 53 1.49 26.78 10.43
C GLY A 53 1.35 25.25 10.44
N ALA A 54 0.15 24.72 10.27
CA ALA A 54 -0.07 23.29 10.32
C ALA A 54 -1.13 22.92 9.31
N PHE A 55 -1.01 21.70 8.83
CA PHE A 55 -2.02 21.05 8.02
C PHE A 55 -3.00 20.37 8.93
N ARG A 56 -4.32 20.56 8.78
CA ARG A 56 -5.23 20.16 9.82
C ARG A 56 -6.59 19.78 9.28
N LYS A 57 -7.27 18.82 9.94
CA LYS A 57 -8.61 18.47 9.60
C LYS A 57 -9.29 17.86 10.83
N THR A 58 -10.60 18.02 10.93
CA THR A 58 -11.39 17.48 12.02
C THR A 58 -12.24 16.28 11.60
N PHE A 59 -12.45 15.38 12.57
CA PHE A 59 -13.12 14.09 12.37
C PHE A 59 -13.98 13.80 13.57
N ASN A 60 -14.97 12.94 13.36
CA ASN A 60 -15.72 12.37 14.48
C ASN A 60 -14.79 11.47 15.28
N ALA A 61 -14.92 11.45 16.59
CA ALA A 61 -14.15 10.56 17.45
C ALA A 61 -14.86 10.36 18.76
N VAL A 62 -14.34 9.43 19.56
CA VAL A 62 -14.92 9.11 20.88
C VAL A 62 -13.79 9.16 21.89
N LEU A 63 -13.95 9.97 22.93
CA LEU A 63 -12.96 10.06 23.97
C LEU A 63 -12.62 8.70 24.56
N GLY A 64 -11.29 8.43 24.72
CA GLY A 64 -10.80 7.18 25.27
C GLY A 64 -10.59 6.09 24.29
N GLN A 65 -11.00 6.28 23.04
CA GLN A 65 -10.73 5.31 22.00
C GLN A 65 -9.37 5.59 21.33
N ASP A 66 -8.79 4.51 20.83
CA ASP A 66 -7.47 4.56 20.20
C ASP A 66 -7.65 4.69 18.70
N TYR A 67 -6.82 5.51 18.05
CA TYR A 67 -6.92 5.80 16.64
C TYR A 67 -5.52 5.80 16.02
N LYS A 68 -5.50 5.46 14.75
CA LYS A 68 -4.29 5.67 13.92
C LYS A 68 -4.42 7.03 13.25
N LEU A 69 -3.43 7.88 13.48
CA LEU A 69 -3.34 9.13 12.69
C LEU A 69 -2.46 8.89 11.50
N THR A 70 -2.79 9.50 10.37
CA THR A 70 -1.88 9.48 9.22
C THR A 70 -1.86 10.87 8.60
N PHE A 71 -0.64 11.22 8.17
CA PHE A 71 -0.43 12.42 7.39
C PHE A 71 0.32 12.02 6.15
N LYS A 72 -0.27 12.35 5.01
CA LYS A 72 0.32 12.11 3.70
C LYS A 72 0.57 13.42 3.01
N VAL A 73 1.76 13.60 2.44
CA VAL A 73 2.08 14.87 1.87
C VAL A 73 2.92 14.77 0.63
N GLU A 74 2.57 15.55 -0.38
CA GLU A 74 3.36 15.70 -1.62
C GLU A 74 4.67 16.35 -1.29
N ASP A 75 5.79 15.84 -1.88
CA ASP A 75 7.10 16.39 -1.57
C ASP A 75 7.98 16.33 -2.79
N ARG A 76 9.00 17.17 -2.77
CA ARG A 76 10.08 17.11 -3.81
C ARG A 76 9.55 17.64 -5.14
N TYR A 77 8.54 18.51 -5.10
CA TYR A 77 8.13 19.25 -6.31
C TYR A 77 7.73 18.30 -7.43
N GLY A 78 6.85 17.37 -7.09
CA GLY A 78 6.34 16.42 -8.07
C GLY A 78 7.08 15.10 -8.04
N GLN A 79 8.17 15.01 -7.30
CA GLN A 79 9.06 13.87 -7.41
C GLN A 79 9.00 12.91 -6.20
N GLY A 80 8.09 13.14 -5.26
CA GLY A 80 8.00 12.25 -4.10
C GLY A 80 6.89 12.54 -3.17
N GLN A 81 6.95 11.92 -2.02
CA GLN A 81 5.91 12.05 -1.04
C GLN A 81 6.46 11.49 0.28
N GLN A 82 5.72 11.77 1.34
CA GLN A 82 5.98 11.21 2.67
C GLN A 82 4.66 10.84 3.31
N ILE A 83 4.65 9.68 3.97
CA ILE A 83 3.50 9.22 4.74
C ILE A 83 3.93 8.87 6.13
N LEU A 84 3.27 9.48 7.10
CA LEU A 84 3.56 9.30 8.52
C LEU A 84 2.36 8.72 9.25
N ASP A 85 2.60 7.70 10.08
CA ASP A 85 1.53 7.14 10.89
C ASP A 85 1.91 7.20 12.34
N ARG A 86 0.94 7.46 13.22
CA ARG A 86 1.16 7.24 14.67
C ARG A 86 -0.15 6.87 15.32
N ASN A 87 -0.09 6.04 16.35
CA ASN A 87 -1.28 5.70 17.15
C ASN A 87 -1.40 6.57 18.36
N ILE A 88 -2.62 6.99 18.65
CA ILE A 88 -2.94 7.84 19.79
C ILE A 88 -4.22 7.34 20.49
N THR A 89 -4.36 7.79 21.71
CA THR A 89 -5.64 7.72 22.43
C THR A 89 -6.28 9.10 22.49
N PHE A 90 -7.53 9.20 22.12
CA PHE A 90 -8.19 10.50 22.09
C PHE A 90 -8.53 10.98 23.49
N THR A 91 -7.94 12.10 23.86
CA THR A 91 -8.12 12.72 25.17
C THR A 91 -8.49 14.20 24.97
N THR A 92 -8.66 14.91 26.09
CA THR A 92 -9.04 16.29 26.08
C THR A 92 -7.88 17.29 25.89
N GLN A 93 -6.67 16.82 25.45
CA GLN A 93 -5.57 17.78 25.26
C GLN A 93 -5.86 18.80 24.17
N VAL A 94 -5.44 20.03 24.39
CA VAL A 94 -5.52 21.08 23.39
C VAL A 94 -4.10 21.64 23.30
N CYS A 95 -3.53 21.53 22.11
CA CYS A 95 -2.13 21.83 21.90
C CYS A 95 -1.83 22.98 20.95
N ASN A 96 -2.44 23.00 19.78
CA ASN A 96 -2.10 23.95 18.69
C ASN A 96 -3.43 24.34 18.17
N PRO B 5 28.75 21.45 1.67
CA PRO B 5 28.39 20.47 0.64
C PRO B 5 27.74 21.15 -0.55
N PRO B 6 27.97 20.65 -1.77
CA PRO B 6 27.29 21.19 -2.94
C PRO B 6 25.80 20.90 -2.86
N GLU B 7 25.00 21.62 -3.63
CA GLU B 7 23.55 21.59 -3.49
C GLU B 7 23.00 20.18 -3.58
N ASN B 8 23.51 19.40 -4.51
CA ASN B 8 22.98 18.05 -4.73
C ASN B 8 23.27 17.11 -3.57
N CYS B 9 24.07 17.55 -2.61
CA CYS B 9 24.43 16.74 -1.43
C CYS B 9 23.87 17.24 -0.14
N GLN B 10 23.06 18.28 -0.17
CA GLN B 10 22.54 18.84 1.05
C GLN B 10 21.49 17.97 1.74
N ASP B 11 20.75 17.32 0.94
CA ASP B 11 19.58 16.68 1.37
C ASP B 11 19.88 15.48 2.25
N ASP B 12 19.07 15.32 3.29
CA ASP B 12 19.22 14.18 4.16
C ASP B 12 18.87 12.80 3.53
N PHE B 13 18.04 12.79 2.50
CA PHE B 13 17.61 11.64 1.77
C PHE B 13 18.32 11.70 0.43
N ASN B 14 19.27 10.81 0.17
CA ASN B 14 20.12 11.01 -0.98
C ASN B 14 20.81 9.73 -1.40
N PHE B 15 21.77 9.87 -2.30
CA PHE B 15 22.52 8.73 -2.77
C PHE B 15 23.97 9.12 -3.07
N ASN B 16 24.82 8.10 -3.02
CA ASN B 16 26.18 8.20 -3.50
C ASN B 16 26.41 7.26 -4.66
N TYR B 17 27.16 7.72 -5.64
CA TYR B 17 27.78 6.89 -6.62
C TYR B 17 28.81 5.98 -5.93
N VAL B 18 28.75 4.69 -6.21
CA VAL B 18 29.73 3.68 -5.76
C VAL B 18 30.58 3.24 -6.96
N SER B 19 29.92 2.85 -8.03
CA SER B 19 30.56 2.59 -9.33
C SER B 19 29.57 2.83 -10.45
N ASP B 20 29.95 2.63 -11.73
CA ASP B 20 29.01 2.86 -12.78
C ASP B 20 27.77 1.93 -12.66
N GLN B 21 27.94 0.85 -11.91
CA GLN B 21 26.88 -0.16 -11.75
C GLN B 21 26.38 -0.32 -10.34
N GLU B 22 26.72 0.62 -9.46
CA GLU B 22 26.30 0.52 -8.04
C GLU B 22 26.01 1.88 -7.43
N ILE B 23 24.87 1.95 -6.74
CA ILE B 23 24.39 3.15 -6.06
C ILE B 23 24.20 2.86 -4.58
N GLU B 24 24.62 3.78 -3.70
CA GLU B 24 24.32 3.70 -2.28
C GLU B 24 23.22 4.69 -1.98
N VAL B 25 22.11 4.17 -1.44
CA VAL B 25 20.95 5.01 -1.04
C VAL B 25 21.03 5.17 0.44
N TYR B 26 20.79 6.36 0.93
CA TYR B 26 20.86 6.62 2.33
C TYR B 26 19.85 7.66 2.82
N HIS B 27 19.58 7.59 4.13
CA HIS B 27 18.85 8.65 4.82
C HIS B 27 19.57 9.00 6.08
N VAL B 28 19.96 10.23 6.25
CA VAL B 28 20.54 10.70 7.49
C VAL B 28 19.58 10.46 8.64
N ASP B 29 20.09 10.05 9.83
CA ASP B 29 19.22 9.84 10.99
C ASP B 29 18.53 11.13 11.44
N LYS B 30 17.21 11.09 11.57
CA LYS B 30 16.38 12.22 12.02
C LYS B 30 15.76 11.94 13.37
N GLY B 31 16.15 10.85 14.05
CA GLY B 31 15.71 10.67 15.40
C GLY B 31 14.66 9.66 15.68
N TRP B 32 14.25 8.94 14.69
CA TRP B 32 13.20 7.93 14.87
C TRP B 32 13.64 6.84 15.81
N SER B 33 12.68 6.16 16.44
CA SER B 33 13.05 5.03 17.28
C SER B 33 13.76 3.96 16.42
N ALA B 34 13.28 3.70 15.20
CA ALA B 34 14.03 2.92 14.25
C ALA B 34 14.37 1.53 14.72
N GLY B 35 13.41 0.82 15.28
CA GLY B 35 13.61 -0.58 15.54
C GLY B 35 13.82 -1.45 14.33
N TRP B 36 13.28 -1.03 13.21
CA TRP B 36 13.55 -1.61 11.92
C TRP B 36 13.62 -0.44 10.90
N ASN B 37 14.26 -0.70 9.76
CA ASN B 37 14.34 0.27 8.69
C ASN B 37 14.58 -0.48 7.41
N TYR B 38 14.05 0.07 6.31
CA TYR B 38 14.40 -0.43 4.99
C TYR B 38 14.79 0.72 4.05
N VAL B 39 15.83 0.48 3.24
CA VAL B 39 16.23 1.33 2.17
C VAL B 39 15.89 0.57 0.89
N CYS B 40 15.32 1.30 -0.09
CA CYS B 40 14.85 0.67 -1.31
C CYS B 40 15.21 1.45 -2.58
N LEU B 41 15.38 0.69 -3.63
CA LEU B 41 15.62 1.22 -4.98
C LEU B 41 14.58 0.57 -5.86
N ASN B 42 13.71 1.40 -6.48
CA ASN B 42 12.60 0.88 -7.29
C ASN B 42 11.82 -0.22 -6.56
N ASP B 43 11.54 0.02 -5.29
CA ASP B 43 10.73 -0.89 -4.48
C ASP B 43 11.38 -2.23 -4.20
N TYR B 44 12.69 -2.38 -4.46
CA TYR B 44 13.47 -3.52 -3.98
C TYR B 44 14.09 -3.06 -2.69
N CYS B 45 13.67 -3.64 -1.59
CA CYS B 45 13.94 -3.17 -0.26
C CYS B 45 14.82 -4.08 0.53
N LEU B 46 15.77 -3.46 1.24
CA LEU B 46 16.71 -4.18 2.10
C LEU B 46 16.79 -3.48 3.41
N PRO B 47 17.05 -4.22 4.51
CA PRO B 47 17.28 -3.58 5.78
C PRO B 47 18.48 -2.71 5.74
N GLY B 48 18.37 -1.47 6.20
CA GLY B 48 19.45 -0.51 6.14
C GLY B 48 20.44 -0.78 7.24
N ASN B 49 21.70 -0.55 6.93
CA ASN B 49 22.73 -0.50 7.91
C ASN B 49 22.96 0.92 8.38
N LYS B 50 22.98 1.17 9.68
CA LYS B 50 23.25 2.46 10.23
C LYS B 50 24.71 2.66 10.49
N SER B 51 25.31 3.63 9.82
CA SER B 51 26.74 3.88 9.96
C SER B 51 27.02 5.31 9.68
N ASN B 52 27.82 5.93 10.55
CA ASN B 52 28.24 7.30 10.38
C ASN B 52 27.04 8.24 10.15
N GLY B 53 25.99 8.04 10.93
CA GLY B 53 24.87 8.98 11.03
C GLY B 53 23.79 8.77 10.04
N ALA B 54 23.86 7.75 9.19
CA ALA B 54 22.85 7.51 8.18
C ALA B 54 22.54 6.03 8.04
N PHE B 55 21.31 5.74 7.65
CA PHE B 55 20.87 4.43 7.24
C PHE B 55 21.15 4.25 5.78
N ARG B 56 21.82 3.17 5.40
CA ARG B 56 22.38 3.06 4.08
C ARG B 56 22.39 1.67 3.52
N LYS B 57 22.31 1.52 2.19
CA LYS B 57 22.48 0.23 1.56
C LYS B 57 22.84 0.45 0.12
N THR B 58 23.57 -0.50 -0.46
CA THR B 58 24.02 -0.39 -1.86
C THR B 58 23.25 -1.37 -2.74
N PHE B 59 23.00 -0.94 -3.97
CA PHE B 59 22.19 -1.67 -4.95
C PHE B 59 22.88 -1.65 -6.30
N ASN B 60 22.53 -2.61 -7.14
CA ASN B 60 22.85 -2.49 -8.54
C ASN B 60 22.07 -1.38 -9.22
N ALA B 61 22.69 -0.65 -10.13
CA ALA B 61 22.03 0.41 -10.85
C ALA B 61 22.83 0.74 -12.11
N VAL B 62 22.24 1.59 -12.96
CA VAL B 62 22.86 1.94 -14.25
C VAL B 62 22.94 3.44 -14.28
N LEU B 63 24.17 3.98 -14.41
CA LEU B 63 24.37 5.38 -14.46
C LEU B 63 23.50 6.02 -15.53
N GLY B 64 22.85 7.15 -15.20
CA GLY B 64 21.99 7.80 -16.12
C GLY B 64 20.52 7.40 -16.12
N GLN B 65 20.18 6.29 -15.47
CA GLN B 65 18.78 5.87 -15.35
C GLN B 65 18.11 6.56 -14.17
N ASP B 66 16.80 6.56 -14.20
CA ASP B 66 15.97 7.17 -13.14
C ASP B 66 15.49 6.09 -12.17
N TYR B 67 15.44 6.43 -10.89
CA TYR B 67 15.09 5.45 -9.84
C TYR B 67 14.19 6.12 -8.80
N LYS B 68 13.29 5.34 -8.21
CA LYS B 68 12.61 5.73 -6.99
C LYS B 68 13.43 5.29 -5.79
N LEU B 69 13.79 6.24 -4.96
CA LEU B 69 14.36 5.91 -3.67
C LEU B 69 13.24 5.80 -2.63
N THR B 70 13.32 4.84 -1.71
CA THR B 70 12.37 4.81 -0.61
C THR B 70 13.15 4.54 0.66
N PHE B 71 12.76 5.20 1.73
CA PHE B 71 13.21 4.93 3.08
C PHE B 71 11.97 4.68 3.95
N LYS B 72 11.95 3.51 4.60
CA LYS B 72 10.86 3.12 5.50
C LYS B 72 11.50 2.98 6.87
N VAL B 73 10.86 3.53 7.90
CA VAL B 73 11.43 3.46 9.21
C VAL B 73 10.37 3.33 10.28
N GLU B 74 10.66 2.47 11.27
CA GLU B 74 9.88 2.34 12.46
C GLU B 74 9.99 3.61 13.28
N ASP B 75 8.88 4.06 13.88
CA ASP B 75 8.86 5.27 14.62
C ASP B 75 7.87 5.17 15.79
N ARG B 76 8.04 6.04 16.75
CA ARG B 76 7.04 6.20 17.86
C ARG B 76 7.09 4.99 18.77
N TYR B 77 8.22 4.28 18.85
CA TYR B 77 8.41 3.25 19.86
C TYR B 77 7.34 2.18 19.77
N GLY B 78 7.11 1.66 18.58
CA GLY B 78 6.14 0.62 18.32
C GLY B 78 4.79 1.12 17.84
N GLN B 79 4.62 2.43 17.79
CA GLN B 79 3.29 3.00 17.55
C GLN B 79 3.15 3.66 16.21
N GLY B 80 4.16 3.55 15.36
CA GLY B 80 4.04 4.18 14.03
C GLY B 80 5.17 3.94 13.12
N GLN B 81 5.24 4.67 12.02
CA GLN B 81 6.22 4.49 11.00
C GLN B 81 6.22 5.77 10.13
N GLN B 82 7.27 5.84 9.32
CA GLN B 82 7.32 6.84 8.27
C GLN B 82 7.85 6.20 7.01
N ILE B 83 7.30 6.58 5.85
CA ILE B 83 7.81 6.14 4.58
C ILE B 83 8.01 7.35 3.70
N LEU B 84 9.21 7.50 3.19
CA LEU B 84 9.60 8.60 2.33
C LEU B 84 9.99 8.09 0.95
N ASP B 85 9.53 8.75 -0.11
CA ASP B 85 9.92 8.40 -1.48
C ASP B 85 10.47 9.62 -2.20
N ARG B 86 11.48 9.43 -3.03
CA ARG B 86 11.89 10.53 -3.94
C ARG B 86 12.52 9.92 -5.17
N ASN B 87 12.25 10.55 -6.32
CA ASN B 87 12.81 10.10 -7.59
C ASN B 87 14.11 10.81 -7.89
N ILE B 88 15.12 10.07 -8.38
CA ILE B 88 16.40 10.66 -8.72
C ILE B 88 16.85 10.11 -10.07
N THR B 89 17.82 10.80 -10.70
CA THR B 89 18.58 10.26 -11.82
C THR B 89 19.97 9.90 -11.24
N PHE B 90 20.41 8.65 -11.50
CA PHE B 90 21.69 8.17 -10.93
C PHE B 90 22.86 8.87 -11.69
N THR B 91 23.59 9.69 -10.97
CA THR B 91 24.74 10.41 -11.47
C THR B 91 25.97 10.08 -10.62
N THR B 92 27.08 10.68 -10.99
CA THR B 92 28.34 10.45 -10.28
C THR B 92 28.50 11.27 -9.02
N GLN B 93 27.45 11.90 -8.47
CA GLN B 93 27.64 12.61 -7.20
C GLN B 93 28.08 11.66 -6.11
N VAL B 94 28.91 12.16 -5.23
CA VAL B 94 29.29 11.54 -3.98
C VAL B 94 29.17 12.56 -2.85
N CYS B 95 28.33 12.28 -1.85
CA CYS B 95 27.90 13.22 -0.85
C CYS B 95 28.14 12.96 0.63
N ASN B 96 27.93 11.72 1.03
CA ASN B 96 28.05 11.35 2.45
C ASN B 96 28.86 10.10 2.56
N CYS C 9 -28.28 10.36 -5.40
CA CYS C 9 -28.45 9.00 -6.02
C CYS C 9 -27.95 8.89 -7.46
N GLN C 10 -27.56 9.54 -8.43
CA GLN C 10 -27.26 9.01 -9.80
C GLN C 10 -25.80 8.50 -9.94
N ASP C 11 -25.08 8.72 -8.91
CA ASP C 11 -23.66 8.26 -8.86
C ASP C 11 -23.54 6.75 -8.93
N ASP C 12 -22.64 6.25 -9.77
CA ASP C 12 -22.41 4.84 -9.90
C ASP C 12 -21.81 4.19 -8.63
N PHE C 13 -21.18 4.96 -7.77
CA PHE C 13 -20.53 4.45 -6.55
C PHE C 13 -21.28 5.04 -5.38
N ASN C 14 -22.03 4.23 -4.63
CA ASN C 14 -22.97 4.81 -3.69
C ASN C 14 -23.36 3.78 -2.64
N PHE C 15 -24.31 4.15 -1.81
CA PHE C 15 -24.84 3.26 -0.83
C PHE C 15 -26.35 3.42 -0.66
N ASN C 16 -26.93 2.40 -0.05
CA ASN C 16 -28.32 2.38 0.38
C ASN C 16 -28.38 2.13 1.88
N TYR C 17 -29.25 2.86 2.55
CA TYR C 17 -29.62 2.52 3.89
C TYR C 17 -30.38 1.20 3.93
N VAL C 18 -30.00 0.34 4.88
CA VAL C 18 -30.72 -0.93 5.18
C VAL C 18 -31.38 -0.81 6.57
N SER C 19 -30.63 -0.40 7.58
CA SER C 19 -31.15 -0.11 8.92
C SER C 19 -30.20 0.87 9.56
N ASP C 20 -30.49 1.33 10.77
CA ASP C 20 -29.59 2.18 11.51
C ASP C 20 -28.25 1.56 11.72
N GLN C 21 -28.18 0.20 11.63
CA GLN C 21 -26.92 -0.48 11.82
C GLN C 21 -26.41 -1.25 10.61
N GLU C 22 -26.98 -1.01 9.45
CA GLU C 22 -26.63 -1.70 8.22
C GLU C 22 -26.65 -0.81 6.98
N ILE C 23 -25.58 -0.85 6.19
CA ILE C 23 -25.41 -0.10 4.98
C ILE C 23 -25.13 -1.08 3.86
N GLU C 24 -25.74 -0.83 2.70
CA GLU C 24 -25.38 -1.57 1.48
C GLU C 24 -24.51 -0.66 0.65
N VAL C 25 -23.33 -1.08 0.34
CA VAL C 25 -22.38 -0.37 -0.51
C VAL C 25 -22.44 -1.02 -1.89
N TYR C 26 -22.48 -0.20 -2.92
CA TYR C 26 -22.50 -0.73 -4.28
C TYR C 26 -21.74 0.11 -5.28
N HIS C 27 -21.31 -0.54 -6.32
CA HIS C 27 -20.76 0.15 -7.48
C HIS C 27 -21.46 -0.43 -8.73
N VAL C 28 -22.05 0.45 -9.53
CA VAL C 28 -22.70 0.06 -10.74
C VAL C 28 -21.64 -0.58 -11.61
N ASP C 29 -22.05 -1.55 -12.39
CA ASP C 29 -21.17 -2.25 -13.24
C ASP C 29 -20.75 -1.32 -14.39
N LYS C 30 -19.45 -1.14 -14.56
CA LYS C 30 -18.88 -0.35 -15.65
C LYS C 30 -18.20 -1.21 -16.70
N GLY C 31 -18.34 -2.54 -16.59
CA GLY C 31 -17.89 -3.44 -17.62
C GLY C 31 -16.58 -4.19 -17.46
N TRP C 32 -15.96 -4.12 -16.27
CA TRP C 32 -14.70 -4.80 -16.00
C TRP C 32 -14.87 -6.30 -16.18
N SER C 33 -13.76 -6.96 -16.51
CA SER C 33 -13.77 -8.43 -16.52
C SER C 33 -14.24 -9.00 -15.18
N ALA C 34 -13.76 -8.46 -14.07
CA ALA C 34 -14.31 -8.74 -12.76
C ALA C 34 -14.24 -10.23 -12.41
N GLY C 35 -13.10 -10.88 -12.69
CA GLY C 35 -12.86 -12.24 -12.20
C GLY C 35 -12.95 -12.38 -10.68
N TRP C 36 -12.56 -11.32 -10.01
CA TRP C 36 -12.74 -11.10 -8.60
C TRP C 36 -13.12 -9.64 -8.37
N ASN C 37 -13.78 -9.38 -7.25
CA ASN C 37 -14.11 -8.05 -6.83
C ASN C 37 -14.30 -8.02 -5.33
N TYR C 38 -13.93 -6.88 -4.72
CA TYR C 38 -14.23 -6.64 -3.34
C TYR C 38 -14.91 -5.30 -3.17
N VAL C 39 -15.93 -5.30 -2.31
CA VAL C 39 -16.56 -4.12 -1.84
C VAL C 39 -16.10 -3.94 -0.38
N CYS C 40 -15.71 -2.74 0.01
CA CYS C 40 -15.16 -2.46 1.32
C CYS C 40 -15.77 -1.26 2.02
N LEU C 41 -15.82 -1.34 3.36
CA LEU C 41 -16.27 -0.27 4.20
C LEU C 41 -15.11 -0.07 5.21
N ASN C 42 -14.45 1.05 5.18
CA ASN C 42 -13.30 1.31 6.06
C ASN C 42 -12.27 0.24 5.93
N ASP C 43 -12.03 -0.23 4.73
CA ASP C 43 -11.00 -1.25 4.39
C ASP C 43 -11.32 -2.62 5.02
N TYR C 44 -12.56 -2.83 5.40
CA TYR C 44 -13.07 -4.16 5.72
C TYR C 44 -13.75 -4.64 4.45
N CYS C 45 -13.20 -5.69 3.83
CA CYS C 45 -13.52 -6.03 2.44
C CYS C 45 -14.19 -7.38 2.35
N LEU C 46 -15.18 -7.46 1.48
CA LEU C 46 -15.90 -8.70 1.19
C LEU C 46 -16.13 -8.81 -0.30
N PRO C 47 -16.24 -10.04 -0.82
CA PRO C 47 -16.56 -10.16 -2.24
C PRO C 47 -17.93 -9.60 -2.50
N GLY C 48 -18.03 -8.75 -3.51
CA GLY C 48 -19.28 -8.18 -3.93
C GLY C 48 -20.11 -9.21 -4.70
N ASN C 49 -21.42 -9.10 -4.53
CA ASN C 49 -22.38 -9.87 -5.30
C ASN C 49 -22.88 -9.00 -6.44
N LYS C 50 -22.78 -9.50 -7.64
CA LYS C 50 -23.27 -8.77 -8.78
C LYS C 50 -24.75 -9.06 -8.97
N SER C 51 -25.59 -8.06 -8.76
CA SER C 51 -27.03 -8.21 -8.89
C SER C 51 -27.64 -6.92 -9.36
N ASN C 52 -28.57 -7.04 -10.30
CA ASN C 52 -29.32 -5.90 -10.78
C ASN C 52 -28.36 -4.80 -11.22
N GLY C 53 -27.30 -5.18 -11.92
CA GLY C 53 -26.46 -4.19 -12.59
C GLY C 53 -25.40 -3.49 -11.69
N ALA C 54 -25.21 -3.99 -10.45
CA ALA C 54 -24.21 -3.40 -9.52
C ALA C 54 -23.58 -4.50 -8.69
N PHE C 55 -22.34 -4.22 -8.27
CA PHE C 55 -21.67 -5.07 -7.29
C PHE C 55 -22.00 -4.50 -5.94
N ARG C 56 -22.48 -5.36 -5.02
CA ARG C 56 -23.05 -4.86 -3.79
C ARG C 56 -22.71 -5.78 -2.62
N LYS C 57 -22.68 -5.18 -1.44
CA LYS C 57 -22.51 -5.96 -0.21
C LYS C 57 -23.01 -5.11 0.93
N THR C 58 -23.56 -5.76 1.97
CA THR C 58 -24.08 -5.13 3.16
C THR C 58 -23.10 -5.31 4.33
N PHE C 59 -22.94 -4.25 5.10
CA PHE C 59 -22.02 -4.18 6.23
C PHE C 59 -22.73 -3.59 7.47
N ASN C 60 -22.22 -3.93 8.65
CA ASN C 60 -22.59 -3.22 9.85
C ASN C 60 -22.04 -1.81 9.77
N ALA C 61 -22.82 -0.87 10.23
CA ALA C 61 -22.40 0.53 10.23
C ALA C 61 -23.22 1.30 11.27
N VAL C 62 -22.94 2.59 11.41
CA VAL C 62 -23.58 3.48 12.46
C VAL C 62 -24.05 4.74 11.75
N LEU C 63 -25.36 4.94 11.77
CA LEU C 63 -25.97 6.08 11.08
C LEU C 63 -25.30 7.36 11.60
N GLY C 64 -24.94 8.25 10.66
CA GLY C 64 -24.27 9.47 10.99
C GLY C 64 -22.76 9.46 11.03
N GLN C 65 -22.13 8.30 10.95
CA GLN C 65 -20.67 8.24 10.89
C GLN C 65 -20.24 8.38 9.43
N ASP C 66 -18.96 8.72 9.28
CA ASP C 66 -18.31 8.90 7.95
C ASP C 66 -17.50 7.64 7.68
N TYR C 67 -17.61 7.19 6.43
CA TYR C 67 -16.97 5.94 6.00
C TYR C 67 -16.23 6.16 4.69
N LYS C 68 -15.16 5.39 4.54
CA LYS C 68 -14.50 5.24 3.25
C LYS C 68 -15.11 4.01 2.53
N LEU C 69 -15.69 4.22 1.38
CA LEU C 69 -16.11 3.13 0.50
C LEU C 69 -14.96 2.78 -0.46
N THR C 70 -14.72 1.49 -0.67
CA THR C 70 -13.77 1.07 -1.66
C THR C 70 -14.38 0.01 -2.51
N PHE C 71 -14.07 0.05 -3.80
CA PHE C 71 -14.40 -0.99 -4.75
C PHE C 71 -13.10 -1.39 -5.43
N LYS C 72 -12.70 -2.64 -5.28
CA LYS C 72 -11.50 -3.21 -5.91
C LYS C 72 -11.99 -4.24 -6.94
N VAL C 73 -11.47 -4.17 -8.17
CA VAL C 73 -12.00 -5.06 -9.18
C VAL C 73 -10.86 -5.51 -10.15
N GLU C 74 -10.91 -6.80 -10.46
CA GLU C 74 -10.06 -7.41 -11.46
C GLU C 74 -10.47 -6.82 -12.84
N ASP C 75 -9.48 -6.53 -13.69
CA ASP C 75 -9.75 -6.00 -15.01
C ASP C 75 -8.81 -6.56 -16.01
N ARG C 76 -9.25 -6.54 -17.28
CA ARG C 76 -8.40 -6.94 -18.39
C ARG C 76 -7.94 -8.39 -18.30
N TYR C 77 -8.84 -9.25 -17.80
CA TYR C 77 -8.61 -10.70 -17.87
C TYR C 77 -7.28 -11.14 -17.47
N GLY C 78 -6.88 -10.71 -16.26
CA GLY C 78 -5.59 -11.05 -15.65
C GLY C 78 -4.51 -9.98 -15.67
N GLN C 79 -4.73 -8.96 -16.49
CA GLN C 79 -3.68 -7.99 -16.82
C GLN C 79 -3.84 -6.66 -16.13
N GLY C 80 -4.83 -6.49 -15.27
CA GLY C 80 -4.97 -5.22 -14.58
C GLY C 80 -5.92 -5.25 -13.42
N GLN C 81 -6.15 -4.07 -12.88
CA GLN C 81 -7.09 -3.93 -11.78
C GLN C 81 -7.43 -2.48 -11.63
N GLN C 82 -8.50 -2.23 -10.91
CA GLN C 82 -8.85 -0.86 -10.59
C GLN C 82 -9.29 -0.81 -9.14
N ILE C 83 -8.88 0.25 -8.43
CA ILE C 83 -9.35 0.47 -7.05
C ILE C 83 -9.93 1.88 -6.99
N LEU C 84 -11.18 1.97 -6.52
CA LEU C 84 -11.93 3.23 -6.45
C LEU C 84 -12.33 3.47 -5.01
N ASP C 85 -12.06 4.67 -4.50
CA ASP C 85 -12.44 5.05 -3.14
C ASP C 85 -13.35 6.26 -3.16
N ARG C 86 -14.29 6.31 -2.24
CA ARG C 86 -15.08 7.56 -1.99
C ARG C 86 -15.51 7.63 -0.56
N ASN C 87 -15.48 8.83 -0.01
CA ASN C 87 -15.94 9.06 1.35
C ASN C 87 -17.40 9.47 1.37
N ILE C 88 -18.16 8.87 2.31
CA ILE C 88 -19.59 9.19 2.49
C ILE C 88 -19.92 9.36 3.95
N THR C 89 -21.04 9.98 4.20
CA THR C 89 -21.67 9.93 5.51
C THR C 89 -22.86 9.02 5.39
N PHE C 90 -22.98 8.10 6.35
CA PHE C 90 -24.09 7.12 6.32
C PHE C 90 -25.36 7.78 6.79
N THR C 91 -26.29 7.96 5.85
CA THR C 91 -27.62 8.53 6.09
C THR C 91 -28.68 7.53 5.66
N THR C 92 -29.94 7.94 5.79
CA THR C 92 -31.08 7.15 5.42
C THR C 92 -31.39 7.11 3.93
N GLN C 93 -30.51 7.66 3.10
CA GLN C 93 -30.76 7.63 1.65
C GLN C 93 -30.93 6.19 1.12
N VAL C 94 -31.87 6.03 0.19
CA VAL C 94 -32.08 4.80 -0.57
C VAL C 94 -32.14 5.14 -2.04
N CYS C 95 -31.25 4.53 -2.83
CA CYS C 95 -31.15 4.89 -4.22
C CYS C 95 -31.68 3.74 -5.07
N ASN D 8 -4.10 -1.46 -31.32
CA ASN D 8 -4.26 -1.46 -29.86
C ASN D 8 -4.38 -0.04 -29.35
N CYS D 9 -4.64 0.92 -30.24
CA CYS D 9 -4.70 2.36 -29.85
C CYS D 9 -6.04 2.88 -29.35
N GLN D 10 -7.12 2.08 -29.40
CA GLN D 10 -8.46 2.52 -28.94
C GLN D 10 -8.55 2.73 -27.40
N ASP D 11 -7.79 1.97 -26.66
CA ASP D 11 -7.98 1.99 -25.19
C ASP D 11 -7.64 3.37 -24.63
N ASP D 12 -8.52 3.86 -23.76
CA ASP D 12 -8.27 5.11 -23.02
C ASP D 12 -7.03 5.10 -22.12
N PHE D 13 -6.60 3.94 -21.67
CA PHE D 13 -5.41 3.82 -20.84
C PHE D 13 -4.36 3.15 -21.68
N ASN D 14 -3.27 3.83 -22.04
CA ASN D 14 -2.40 3.32 -23.11
C ASN D 14 -1.02 3.94 -23.11
N PHE D 15 -0.24 3.70 -24.19
CA PHE D 15 1.07 4.26 -24.28
C PHE D 15 1.36 4.57 -25.75
N ASN D 16 2.27 5.52 -25.94
CA ASN D 16 2.91 5.82 -27.25
C ASN D 16 4.36 5.54 -27.21
N TYR D 17 4.88 4.99 -28.31
CA TYR D 17 6.29 5.01 -28.59
C TYR D 17 6.74 6.43 -28.83
N VAL D 18 7.79 6.81 -28.14
CA VAL D 18 8.46 8.07 -28.40
C VAL D 18 9.76 7.81 -29.16
N SER D 19 10.57 6.91 -28.61
CA SER D 19 11.75 6.39 -29.28
C SER D 19 11.98 4.97 -28.80
N ASP D 20 12.98 4.28 -29.31
CA ASP D 20 13.31 2.93 -28.87
C ASP D 20 13.70 2.87 -27.38
N GLN D 21 13.98 4.05 -26.80
CA GLN D 21 14.31 4.14 -25.38
C GLN D 21 13.31 4.98 -24.53
N GLU D 22 12.18 5.37 -25.10
CA GLU D 22 11.27 6.29 -24.40
C GLU D 22 9.84 5.90 -24.71
N ILE D 23 9.00 5.83 -23.66
CA ILE D 23 7.59 5.49 -23.74
C ILE D 23 6.78 6.61 -23.10
N GLU D 24 5.70 7.04 -23.75
CA GLU D 24 4.75 7.97 -23.16
C GLU D 24 3.58 7.14 -22.65
N VAL D 25 3.25 7.27 -21.38
CA VAL D 25 2.10 6.58 -20.77
C VAL D 25 1.00 7.62 -20.64
N TYR D 26 -0.25 7.30 -20.96
CA TYR D 26 -1.33 8.23 -20.85
C TYR D 26 -2.66 7.62 -20.45
N HIS D 27 -3.51 8.47 -19.90
CA HIS D 27 -4.93 8.14 -19.67
C HIS D 27 -5.77 9.29 -20.19
N VAL D 28 -6.68 8.97 -21.10
CA VAL D 28 -7.65 9.95 -21.56
C VAL D 28 -8.39 10.56 -20.39
N ASP D 29 -8.61 11.87 -20.44
CA ASP D 29 -9.31 12.58 -19.36
C ASP D 29 -10.78 12.21 -19.34
N LYS D 30 -11.24 11.57 -18.27
CA LYS D 30 -12.62 11.17 -18.06
C LYS D 30 -13.40 12.09 -17.16
N GLY D 31 -12.81 13.23 -16.77
CA GLY D 31 -13.55 14.28 -16.07
C GLY D 31 -13.40 14.36 -14.57
N TRP D 32 -12.46 13.65 -14.04
CA TRP D 32 -12.25 13.68 -12.61
C TRP D 32 -11.85 15.07 -12.15
N SER D 33 -12.11 15.37 -10.89
CA SER D 33 -11.60 16.65 -10.36
C SER D 33 -10.09 16.83 -10.60
N ALA D 34 -9.32 15.78 -10.37
CA ALA D 34 -7.93 15.76 -10.70
C ALA D 34 -7.16 16.90 -10.10
N GLY D 35 -7.38 17.15 -8.82
CA GLY D 35 -6.57 18.10 -8.08
C GLY D 35 -5.11 17.67 -8.07
N TRP D 36 -4.87 16.38 -8.19
CA TRP D 36 -3.56 15.80 -8.43
C TRP D 36 -3.76 14.57 -9.32
N ASN D 37 -2.68 14.14 -9.97
CA ASN D 37 -2.69 12.94 -10.75
C ASN D 37 -1.25 12.48 -10.94
N TYR D 38 -1.06 11.20 -11.03
CA TYR D 38 0.25 10.60 -11.31
C TYR D 38 0.09 9.57 -12.40
N VAL D 39 1.08 9.53 -13.28
CA VAL D 39 1.26 8.53 -14.27
C VAL D 39 2.51 7.74 -13.90
N CYS D 40 2.45 6.41 -13.96
CA CYS D 40 3.60 5.64 -13.51
C CYS D 40 3.91 4.51 -14.44
N LEU D 41 5.20 4.16 -14.46
CA LEU D 41 5.74 3.02 -15.18
C LEU D 41 6.47 2.16 -14.17
N ASN D 42 6.04 0.92 -13.99
CA ASN D 42 6.62 0.04 -13.00
C ASN D 42 6.75 0.72 -11.61
N ASP D 43 5.68 1.44 -11.22
CA ASP D 43 5.52 2.14 -9.93
C ASP D 43 6.54 3.27 -9.75
N TYR D 44 7.17 3.71 -10.81
CA TYR D 44 7.93 4.95 -10.82
C TYR D 44 6.95 6.03 -11.34
N CYS D 45 6.61 6.96 -10.47
CA CYS D 45 5.50 7.87 -10.68
C CYS D 45 5.90 9.32 -10.86
N LEU D 46 5.23 10.00 -11.80
CA LEU D 46 5.42 11.44 -12.02
C LEU D 46 4.09 12.10 -12.30
N PRO D 47 3.97 13.38 -11.96
CA PRO D 47 2.67 14.05 -12.19
C PRO D 47 2.38 14.07 -13.68
N GLY D 48 1.18 13.72 -14.07
CA GLY D 48 0.79 13.74 -15.44
C GLY D 48 0.56 15.17 -15.91
N ASN D 49 0.95 15.43 -17.16
CA ASN D 49 0.58 16.69 -17.86
C ASN D 49 -0.63 16.51 -18.69
N LYS D 50 -1.61 17.39 -18.54
CA LYS D 50 -2.82 17.26 -19.38
C LYS D 50 -2.60 17.97 -20.70
N SER D 51 -2.69 17.19 -21.77
CA SER D 51 -2.37 17.65 -23.13
C SER D 51 -3.26 16.89 -24.10
N ASN D 52 -3.92 17.58 -25.05
CA ASN D 52 -4.67 16.89 -26.09
C ASN D 52 -5.57 15.81 -25.54
N GLY D 53 -6.31 16.19 -24.50
CA GLY D 53 -7.34 15.33 -23.90
C GLY D 53 -6.92 14.23 -23.02
N ALA D 54 -5.64 14.14 -22.65
CA ALA D 54 -5.17 13.06 -21.83
C ALA D 54 -4.13 13.54 -20.86
N PHE D 55 -3.97 12.77 -19.76
CA PHE D 55 -2.90 12.97 -18.80
C PHE D 55 -1.78 12.12 -19.30
N ARG D 56 -0.57 12.68 -19.42
CA ARG D 56 0.55 11.98 -20.07
C ARG D 56 1.86 12.27 -19.42
N LYS D 57 2.79 11.31 -19.52
CA LYS D 57 4.15 11.53 -19.09
C LYS D 57 5.05 10.54 -19.82
N THR D 58 6.29 10.93 -20.10
CA THR D 58 7.28 10.08 -20.72
C THR D 58 8.32 9.56 -19.77
N PHE D 59 8.76 8.33 -20.03
CA PHE D 59 9.66 7.56 -19.22
C PHE D 59 10.71 6.86 -20.06
N ASN D 60 11.82 6.54 -19.48
CA ASN D 60 12.81 5.63 -20.12
C ASN D 60 12.22 4.22 -20.16
N ALA D 61 12.42 3.48 -21.26
CA ALA D 61 11.93 2.13 -21.39
C ALA D 61 12.72 1.45 -22.46
N VAL D 62 12.52 0.14 -22.57
CA VAL D 62 13.25 -0.69 -23.48
C VAL D 62 12.23 -1.42 -24.35
N LEU D 63 12.32 -1.25 -25.67
CA LEU D 63 11.42 -1.89 -26.61
C LEU D 63 11.43 -3.38 -26.40
N GLY D 64 10.24 -3.96 -26.33
CA GLY D 64 10.07 -5.39 -26.17
C GLY D 64 9.94 -5.87 -24.75
N GLN D 65 10.19 -4.98 -23.78
CA GLN D 65 9.99 -5.33 -22.38
C GLN D 65 8.52 -5.16 -21.96
N ASP D 66 8.14 -5.82 -20.89
CA ASP D 66 6.80 -5.71 -20.30
C ASP D 66 6.84 -4.75 -19.13
N TYR D 67 5.79 -3.95 -19.02
CA TYR D 67 5.70 -2.89 -17.97
C TYR D 67 4.30 -2.87 -17.39
N LYS D 68 4.23 -2.47 -16.13
CA LYS D 68 2.98 -2.14 -15.46
C LYS D 68 2.76 -0.63 -15.64
N LEU D 69 1.65 -0.26 -16.23
CA LEU D 69 1.20 1.12 -16.26
C LEU D 69 0.29 1.42 -15.10
N THR D 70 0.43 2.57 -14.46
CA THR D 70 -0.50 2.99 -13.44
C THR D 70 -0.94 4.42 -13.69
N PHE D 71 -2.23 4.72 -13.49
CA PHE D 71 -2.76 6.08 -13.42
C PHE D 71 -3.47 6.23 -12.07
N LYS D 72 -3.07 7.27 -11.33
CA LYS D 72 -3.66 7.55 -10.01
C LYS D 72 -4.24 8.93 -10.16
N VAL D 73 -5.47 9.15 -9.69
CA VAL D 73 -6.07 10.47 -9.83
C VAL D 73 -7.01 10.81 -8.69
N GLU D 74 -6.95 12.04 -8.26
CA GLU D 74 -7.95 12.58 -7.34
C GLU D 74 -9.33 12.71 -7.95
N ASP D 75 -10.39 12.41 -7.22
CA ASP D 75 -11.71 12.73 -7.68
C ASP D 75 -12.57 13.22 -6.54
N ARG D 76 -13.73 13.71 -6.91
CA ARG D 76 -14.70 14.25 -5.93
C ARG D 76 -14.09 15.30 -5.00
N TYR D 77 -13.20 16.09 -5.57
CA TYR D 77 -12.56 17.21 -4.83
C TYR D 77 -11.74 16.76 -3.57
N GLY D 78 -11.24 15.58 -3.61
CA GLY D 78 -10.45 15.09 -2.46
C GLY D 78 -11.24 14.18 -1.58
N GLN D 79 -12.52 13.95 -1.93
CA GLN D 79 -13.29 12.91 -1.18
C GLN D 79 -13.15 11.50 -1.85
N GLY D 80 -12.36 11.37 -2.88
CA GLY D 80 -12.15 10.05 -3.46
C GLY D 80 -10.93 10.02 -4.34
N GLN D 81 -10.69 8.87 -4.90
CA GLN D 81 -9.55 8.67 -5.80
C GLN D 81 -9.80 7.43 -6.60
N GLN D 82 -9.03 7.29 -7.69
CA GLN D 82 -9.01 6.07 -8.46
C GLN D 82 -7.59 5.71 -8.82
N ILE D 83 -7.28 4.42 -8.71
CA ILE D 83 -5.96 3.91 -9.14
C ILE D 83 -6.21 2.79 -10.13
N LEU D 84 -5.66 2.94 -11.34
CA LEU D 84 -5.88 1.99 -12.43
C LEU D 84 -4.52 1.44 -12.83
N ASP D 85 -4.46 0.12 -12.97
CA ASP D 85 -3.21 -0.58 -13.37
C ASP D 85 -3.51 -1.41 -14.63
N ARG D 86 -2.56 -1.44 -15.56
CA ARG D 86 -2.63 -2.43 -16.64
C ARG D 86 -1.22 -2.80 -17.13
N ASN D 87 -1.04 -4.05 -17.53
CA ASN D 87 0.23 -4.51 -18.03
C ASN D 87 0.30 -4.44 -19.55
N ILE D 88 1.42 -3.94 -20.09
CA ILE D 88 1.64 -3.88 -21.53
C ILE D 88 3.02 -4.37 -21.92
N THR D 89 3.19 -4.67 -23.20
CA THR D 89 4.51 -4.83 -23.79
C THR D 89 4.82 -3.58 -24.65
N PHE D 90 5.98 -2.99 -24.40
CA PHE D 90 6.37 -1.76 -25.07
C PHE D 90 6.73 -2.07 -26.55
N THR D 91 5.90 -1.54 -27.42
CA THR D 91 6.07 -1.64 -28.91
C THR D 91 6.20 -0.25 -29.56
N THR D 92 6.36 -0.22 -30.90
CA THR D 92 6.47 1.04 -31.64
C THR D 92 5.12 1.75 -31.90
N GLN D 93 4.00 1.31 -31.29
CA GLN D 93 2.73 1.95 -31.61
C GLN D 93 2.75 3.45 -31.25
N VAL D 94 2.23 4.29 -32.15
CA VAL D 94 1.96 5.70 -31.88
C VAL D 94 0.49 5.87 -32.12
N CYS D 95 -0.23 6.22 -31.07
CA CYS D 95 -1.68 6.41 -31.09
C CYS D 95 -2.08 7.85 -31.28
N CYS E 9 -10.63 -23.65 16.82
CA CYS E 9 -9.44 -23.31 17.68
C CYS E 9 -8.13 -23.95 17.22
N GLN E 10 -8.18 -24.76 16.17
CA GLN E 10 -6.97 -25.34 15.60
C GLN E 10 -6.33 -24.34 14.61
N ASP E 11 -7.09 -23.36 14.15
CA ASP E 11 -6.60 -22.39 13.16
C ASP E 11 -5.41 -21.59 13.73
N ASP E 12 -4.32 -21.56 13.00
CA ASP E 12 -3.13 -20.81 13.41
C ASP E 12 -3.35 -19.30 13.58
N PHE E 13 -4.36 -18.75 12.89
CA PHE E 13 -4.57 -17.29 12.86
C PHE E 13 -5.96 -17.11 13.41
N ASN E 14 -6.08 -16.51 14.58
CA ASN E 14 -7.35 -16.53 15.29
C ASN E 14 -7.43 -15.44 16.36
N PHE E 15 -8.49 -15.51 17.18
CA PHE E 15 -8.70 -14.54 18.26
C PHE E 15 -9.24 -15.24 19.50
N ASN E 16 -8.94 -14.61 20.63
CA ASN E 16 -9.57 -14.98 21.92
C ASN E 16 -10.38 -13.84 22.45
N TYR E 17 -11.57 -14.17 22.97
CA TYR E 17 -12.31 -13.22 23.80
C TYR E 17 -11.52 -12.89 25.10
N VAL E 18 -11.43 -11.60 25.42
CA VAL E 18 -10.85 -11.15 26.68
C VAL E 18 -11.94 -10.60 27.58
N SER E 19 -12.74 -9.69 27.07
CA SER E 19 -13.94 -9.19 27.77
C SER E 19 -14.88 -8.72 26.69
N ASP E 20 -16.05 -8.26 27.09
CA ASP E 20 -16.98 -7.75 26.15
C ASP E 20 -16.41 -6.61 25.32
N GLN E 21 -15.39 -5.91 25.82
CA GLN E 21 -14.83 -4.78 25.13
C GLN E 21 -13.37 -4.97 24.69
N GLU E 22 -12.87 -6.20 24.78
CA GLU E 22 -11.48 -6.54 24.40
C GLU E 22 -11.32 -7.88 23.70
N ILE E 23 -10.51 -7.87 22.64
CA ILE E 23 -10.22 -9.03 21.83
C ILE E 23 -8.71 -9.21 21.73
N GLU E 24 -8.24 -10.44 21.89
CA GLU E 24 -6.82 -10.76 21.65
C GLU E 24 -6.73 -11.38 20.29
N VAL E 25 -5.91 -10.82 19.43
CA VAL E 25 -5.63 -11.34 18.10
C VAL E 25 -4.28 -12.07 18.14
N TYR E 26 -4.17 -13.25 17.55
CA TYR E 26 -2.91 -14.00 17.57
C TYR E 26 -2.63 -14.74 16.28
N HIS E 27 -1.35 -15.03 16.06
CA HIS E 27 -0.93 -15.97 15.04
C HIS E 27 0.11 -16.86 15.69
N VAL E 28 -0.10 -18.18 15.60
CA VAL E 28 0.85 -19.17 16.09
C VAL E 28 2.18 -18.91 15.37
N ASP E 29 3.26 -19.06 16.12
CA ASP E 29 4.62 -18.89 15.59
C ASP E 29 4.98 -20.02 14.65
N LYS E 30 5.15 -19.70 13.38
CA LYS E 30 5.52 -20.62 12.30
C LYS E 30 7.01 -20.64 11.97
N GLY E 31 7.81 -19.89 12.74
CA GLY E 31 9.27 -19.97 12.64
C GLY E 31 9.92 -18.88 11.81
N TRP E 32 9.17 -17.86 11.46
CA TRP E 32 9.80 -16.73 10.76
C TRP E 32 10.93 -16.09 11.56
N SER E 33 11.87 -15.47 10.87
CA SER E 33 12.88 -14.74 11.64
C SER E 33 12.30 -13.68 12.53
N ALA E 34 11.24 -13.01 12.11
CA ALA E 34 10.45 -12.17 12.98
C ALA E 34 11.31 -11.08 13.67
N GLY E 35 12.21 -10.43 12.93
CA GLY E 35 12.89 -9.30 13.48
C GLY E 35 11.95 -8.16 13.83
N TRP E 36 10.79 -8.12 13.21
CA TRP E 36 9.67 -7.27 13.58
C TRP E 36 8.43 -8.09 13.29
N ASN E 37 7.34 -7.67 13.93
CA ASN E 37 6.02 -8.23 13.68
C ASN E 37 4.96 -7.24 14.17
N TYR E 38 3.84 -7.21 13.46
CA TYR E 38 2.69 -6.44 13.87
C TYR E 38 1.44 -7.27 13.81
N VAL E 39 0.60 -7.09 14.84
CA VAL E 39 -0.73 -7.66 14.88
C VAL E 39 -1.71 -6.47 14.77
N CYS E 40 -2.75 -6.59 13.95
CA CYS E 40 -3.61 -5.48 13.67
C CYS E 40 -5.05 -5.90 13.75
N LEU E 41 -5.89 -4.94 14.11
CA LEU E 41 -7.36 -5.05 14.12
C LEU E 41 -7.88 -3.89 13.33
N ASN E 42 -8.54 -4.17 12.20
CA ASN E 42 -9.00 -3.08 11.31
C ASN E 42 -7.88 -2.11 10.99
N ASP E 43 -6.71 -2.65 10.71
CA ASP E 43 -5.53 -1.87 10.28
C ASP E 43 -5.03 -0.92 11.33
N TYR E 44 -5.40 -1.14 12.58
CA TYR E 44 -4.75 -0.49 13.70
C TYR E 44 -3.74 -1.50 14.24
N CYS E 45 -2.47 -1.17 14.14
CA CYS E 45 -1.36 -2.14 14.29
C CYS E 45 -0.51 -1.85 15.49
N LEU E 46 -0.15 -2.92 16.18
CA LEU E 46 0.77 -2.85 17.34
C LEU E 46 1.76 -4.01 17.24
N PRO E 47 2.95 -3.86 17.81
CA PRO E 47 3.87 -4.96 17.80
C PRO E 47 3.36 -6.15 18.59
N GLY E 48 3.39 -7.34 18.02
CA GLY E 48 2.95 -8.53 18.73
C GLY E 48 3.94 -8.93 19.79
N ASN E 49 3.40 -9.47 20.88
CA ASN E 49 4.19 -10.09 21.94
C ASN E 49 4.22 -11.59 21.70
N LYS E 50 5.38 -12.22 21.77
CA LYS E 50 5.46 -13.68 21.59
C LYS E 50 5.30 -14.33 22.99
N SER E 51 4.22 -15.10 23.12
CA SER E 51 3.81 -15.73 24.41
C SER E 51 3.10 -17.05 24.09
N ASN E 52 3.55 -18.12 24.73
CA ASN E 52 2.93 -19.40 24.61
C ASN E 52 2.71 -19.80 23.16
N GLY E 53 3.75 -19.66 22.34
CA GLY E 53 3.78 -20.24 21.02
C GLY E 53 3.12 -19.38 19.96
N ALA E 54 2.73 -18.15 20.31
CA ALA E 54 2.04 -17.28 19.33
C ALA E 54 2.43 -15.83 19.53
N PHE E 55 2.29 -15.07 18.47
CA PHE E 55 2.36 -13.60 18.51
C PHE E 55 0.98 -13.06 18.80
N ARG E 56 0.85 -12.27 19.84
CA ARG E 56 -0.44 -11.84 20.34
C ARG E 56 -0.51 -10.39 20.73
N LYS E 57 -1.69 -9.77 20.63
CA LYS E 57 -1.91 -8.44 21.15
C LYS E 57 -3.41 -8.28 21.38
N THR E 58 -3.76 -7.44 22.34
CA THR E 58 -5.13 -7.13 22.73
C THR E 58 -5.53 -5.74 22.30
N PHE E 59 -6.79 -5.62 21.86
CA PHE E 59 -7.38 -4.39 21.29
C PHE E 59 -8.75 -4.16 21.91
N ASN E 60 -9.17 -2.90 21.90
CA ASN E 60 -10.57 -2.58 22.17
C ASN E 60 -11.42 -3.11 21.01
N ALA E 61 -12.60 -3.68 21.33
CA ALA E 61 -13.51 -4.20 20.35
C ALA E 61 -14.90 -4.28 20.95
N VAL E 62 -15.87 -4.60 20.08
CA VAL E 62 -17.25 -4.67 20.50
C VAL E 62 -17.80 -6.03 20.09
N LEU E 63 -18.27 -6.78 21.08
CA LEU E 63 -18.76 -8.14 20.89
C LEU E 63 -19.85 -8.07 19.81
N GLY E 64 -19.75 -8.97 18.85
CA GLY E 64 -20.71 -9.07 17.77
C GLY E 64 -20.39 -8.35 16.47
N GLN E 65 -19.39 -7.47 16.52
CA GLN E 65 -19.03 -6.72 15.32
C GLN E 65 -18.02 -7.57 14.50
N ASP E 66 -17.82 -7.19 13.25
CA ASP E 66 -16.91 -7.83 12.34
C ASP E 66 -15.62 -7.06 12.27
N TYR E 67 -14.50 -7.77 12.16
CA TYR E 67 -13.19 -7.13 12.15
C TYR E 67 -12.26 -7.84 11.15
N LYS E 68 -11.36 -7.06 10.58
CA LYS E 68 -10.27 -7.55 9.79
C LYS E 68 -9.09 -7.80 10.75
N LEU E 69 -8.60 -9.01 10.78
CA LEU E 69 -7.35 -9.34 11.46
C LEU E 69 -6.22 -9.29 10.50
N THR E 70 -5.08 -8.71 10.91
CA THR E 70 -3.87 -8.76 10.09
C THR E 70 -2.76 -9.22 10.97
N PHE E 71 -1.85 -10.02 10.38
CA PHE E 71 -0.56 -10.36 10.97
C PHE E 71 0.50 -10.06 9.90
N LYS E 72 1.49 -9.23 10.24
CA LYS E 72 2.59 -8.87 9.35
C LYS E 72 3.88 -9.28 10.03
N VAL E 73 4.78 -9.93 9.30
CA VAL E 73 5.97 -10.42 9.96
C VAL E 73 7.16 -10.46 9.04
N GLU E 74 8.33 -10.03 9.55
CA GLU E 74 9.59 -10.18 8.82
C GLU E 74 9.98 -11.62 8.66
N ASP E 75 10.53 -11.99 7.51
CA ASP E 75 11.12 -13.29 7.35
C ASP E 75 12.41 -13.18 6.59
N ARG E 76 13.16 -14.28 6.61
CA ARG E 76 14.39 -14.39 5.85
C ARG E 76 15.37 -13.29 6.24
N TYR E 77 15.35 -12.92 7.52
CA TYR E 77 16.31 -11.92 8.06
C TYR E 77 16.17 -10.54 7.35
N GLY E 78 14.99 -10.22 6.91
CA GLY E 78 14.70 -8.91 6.27
C GLY E 78 14.81 -8.99 4.78
N GLN E 79 15.04 -10.18 4.20
CA GLN E 79 14.89 -10.40 2.78
C GLN E 79 13.51 -10.80 2.36
N GLY E 80 12.56 -10.82 3.27
CA GLY E 80 11.18 -11.10 2.87
C GLY E 80 10.22 -10.72 3.99
N GLN E 81 8.95 -10.95 3.71
CA GLN E 81 7.91 -10.71 4.71
C GLN E 81 6.69 -11.46 4.30
N GLN E 82 5.78 -11.59 5.25
CA GLN E 82 4.46 -12.14 4.97
C GLN E 82 3.40 -11.27 5.64
N ILE E 83 2.31 -11.02 4.92
CA ILE E 83 1.15 -10.30 5.46
C ILE E 83 -0.05 -11.17 5.23
N LEU E 84 -0.77 -11.50 6.31
CA LEU E 84 -1.90 -12.39 6.27
C LEU E 84 -3.12 -11.59 6.82
N ASP E 85 -4.25 -11.67 6.14
CA ASP E 85 -5.47 -11.02 6.58
C ASP E 85 -6.59 -12.05 6.65
N ARG E 86 -7.47 -11.92 7.66
CA ARG E 86 -8.69 -12.70 7.68
C ARG E 86 -9.79 -11.91 8.39
N ASN E 87 -11.02 -12.09 7.95
CA ASN E 87 -12.15 -11.41 8.59
C ASN E 87 -12.82 -12.34 9.60
N ILE E 88 -13.20 -11.78 10.74
CA ILE E 88 -13.87 -12.58 11.79
C ILE E 88 -15.01 -11.77 12.39
N THR E 89 -15.91 -12.48 13.07
CA THR E 89 -16.94 -11.86 13.88
C THR E 89 -16.52 -12.09 15.34
N PHE E 90 -16.45 -11.04 16.13
CA PHE E 90 -15.92 -11.16 17.51
C PHE E 90 -17.01 -11.81 18.37
N THR E 91 -16.67 -13.01 18.81
CA THR E 91 -17.56 -13.82 19.67
C THR E 91 -16.85 -14.09 21.00
N THR E 92 -17.45 -14.95 21.85
CA THR E 92 -16.92 -15.24 23.16
C THR E 92 -15.95 -16.39 23.14
N GLN E 93 -15.60 -16.87 21.95
CA GLN E 93 -14.66 -17.96 21.82
C GLN E 93 -13.31 -17.71 22.56
N VAL E 94 -12.81 -18.75 23.23
CA VAL E 94 -11.50 -18.72 23.87
C VAL E 94 -10.78 -20.00 23.48
N CYS E 95 -9.64 -19.87 22.83
CA CYS E 95 -8.93 -21.02 22.34
C CYS E 95 -7.77 -21.36 23.25
N CYS F 9 16.78 -25.39 -2.73
CA CYS F 9 15.68 -25.91 -3.56
C CYS F 9 14.50 -26.51 -2.79
N GLN F 10 14.61 -26.68 -1.47
CA GLN F 10 13.48 -27.19 -0.67
C GLN F 10 12.46 -26.06 -0.36
N ASP F 11 12.84 -24.81 -0.58
CA ASP F 11 11.93 -23.70 -0.24
C ASP F 11 10.65 -23.71 -1.04
N ASP F 12 9.51 -23.56 -0.38
CA ASP F 12 8.25 -23.49 -1.07
C ASP F 12 8.12 -22.28 -1.99
N PHE F 13 8.85 -21.18 -1.76
CA PHE F 13 8.73 -19.95 -2.56
C PHE F 13 10.08 -19.74 -3.20
N ASN F 14 10.13 -19.87 -4.52
CA ASN F 14 11.44 -19.99 -5.15
C ASN F 14 11.35 -19.67 -6.65
N PHE F 15 12.44 -19.91 -7.37
CA PHE F 15 12.48 -19.70 -8.80
C PHE F 15 13.31 -20.76 -9.50
N ASN F 16 13.06 -20.89 -10.78
CA ASN F 16 13.88 -21.67 -11.71
C ASN F 16 14.45 -20.80 -12.78
N TYR F 17 15.72 -21.02 -13.10
CA TYR F 17 16.30 -20.51 -14.32
C TYR F 17 15.64 -21.18 -15.50
N VAL F 18 15.15 -20.40 -16.46
CA VAL F 18 14.67 -20.93 -17.71
C VAL F 18 15.68 -20.59 -18.83
N SER F 19 16.14 -19.37 -18.85
CA SER F 19 17.24 -19.01 -19.72
C SER F 19 17.91 -17.80 -19.16
N ASP F 20 18.96 -17.32 -19.82
CA ASP F 20 19.65 -16.15 -19.31
C ASP F 20 18.71 -14.93 -19.26
N GLN F 21 17.61 -14.98 -20.01
CA GLN F 21 16.66 -13.87 -20.07
C GLN F 21 15.27 -14.14 -19.49
N GLU F 22 15.12 -15.27 -18.82
CA GLU F 22 13.80 -15.76 -18.37
C GLU F 22 13.92 -16.50 -17.05
N ILE F 23 13.05 -16.10 -16.14
CA ILE F 23 12.94 -16.65 -14.82
C ILE F 23 11.53 -17.19 -14.57
N GLU F 24 11.41 -18.37 -13.98
CA GLU F 24 10.13 -18.90 -13.57
C GLU F 24 10.03 -18.72 -12.07
N VAL F 25 9.05 -17.98 -11.62
CA VAL F 25 8.82 -17.76 -10.17
C VAL F 25 7.69 -18.69 -9.76
N TYR F 26 7.79 -19.30 -8.59
CA TYR F 26 6.75 -20.23 -8.16
C TYR F 26 6.56 -20.22 -6.65
N HIS F 27 5.37 -20.66 -6.25
CA HIS F 27 5.10 -20.95 -4.88
C HIS F 27 4.36 -22.29 -4.86
N VAL F 28 4.87 -23.22 -4.08
CA VAL F 28 4.23 -24.52 -3.90
C VAL F 28 2.83 -24.28 -3.30
N ASP F 29 1.86 -25.11 -3.75
CA ASP F 29 0.47 -24.92 -3.34
C ASP F 29 0.34 -25.42 -1.91
N LYS F 30 -0.03 -24.55 -1.01
CA LYS F 30 -0.23 -24.90 0.41
C LYS F 30 -1.70 -25.07 0.83
N GLY F 31 -2.61 -25.00 -0.12
CA GLY F 31 -3.99 -25.40 0.11
C GLY F 31 -4.95 -24.23 0.24
N TRP F 32 -4.52 -23.00 -0.07
CA TRP F 32 -5.43 -21.87 0.00
C TRP F 32 -6.64 -22.06 -0.93
N SER F 33 -7.74 -21.41 -0.59
CA SER F 33 -8.87 -21.42 -1.50
C SER F 33 -8.50 -20.90 -2.89
N ALA F 34 -7.69 -19.84 -2.96
CA ALA F 34 -7.07 -19.42 -4.22
C ALA F 34 -8.05 -19.19 -5.34
N GLY F 35 -9.14 -18.48 -5.03
CA GLY F 35 -10.06 -18.06 -6.12
C GLY F 35 -9.34 -17.22 -7.12
N TRP F 36 -8.32 -16.46 -6.68
CA TRP F 36 -7.41 -15.73 -7.57
C TRP F 36 -6.04 -15.85 -6.95
N ASN F 37 -5.02 -15.63 -7.77
CA ASN F 37 -3.65 -15.61 -7.33
C ASN F 37 -2.84 -14.80 -8.30
N TYR F 38 -1.79 -14.10 -7.82
CA TYR F 38 -0.85 -13.41 -8.68
C TYR F 38 0.57 -13.79 -8.26
N VAL F 39 1.39 -14.05 -9.26
CA VAL F 39 2.82 -14.23 -9.09
C VAL F 39 3.47 -12.97 -9.73
N CYS F 40 4.40 -12.38 -9.00
CA CYS F 40 5.00 -11.10 -9.43
C CYS F 40 6.52 -11.08 -9.33
N LEU F 41 7.09 -10.29 -10.21
CA LEU F 41 8.51 -10.04 -10.29
C LEU F 41 8.65 -8.50 -10.26
N ASN F 42 9.29 -7.97 -9.24
CA ASN F 42 9.41 -6.51 -9.06
C ASN F 42 8.05 -5.80 -9.16
N ASP F 43 7.01 -6.40 -8.63
CA ASP F 43 5.67 -5.83 -8.57
C ASP F 43 4.98 -5.82 -9.93
N TYR F 44 5.54 -6.51 -10.92
CA TYR F 44 4.87 -6.80 -12.17
C TYR F 44 4.15 -8.13 -11.99
N CYS F 45 2.82 -8.09 -11.96
CA CYS F 45 2.05 -9.26 -11.53
C CYS F 45 1.21 -9.85 -12.64
N LEU F 46 1.17 -11.16 -12.63
CA LEU F 46 0.35 -11.94 -13.55
C LEU F 46 -0.30 -13.08 -12.82
N PRO F 47 -1.46 -13.56 -13.28
CA PRO F 47 -2.08 -14.73 -12.64
C PRO F 47 -1.19 -15.94 -12.78
N GLY F 48 -0.93 -16.58 -11.68
CA GLY F 48 -0.19 -17.84 -11.65
C GLY F 48 -0.94 -19.00 -12.22
N ASN F 49 -0.20 -19.85 -12.91
CA ASN F 49 -0.75 -21.13 -13.37
C ASN F 49 -0.47 -22.21 -12.37
N LYS F 50 -1.50 -22.91 -11.94
CA LYS F 50 -1.29 -24.00 -11.00
C LYS F 50 -0.93 -25.26 -11.80
N SER F 51 0.31 -25.75 -11.66
CA SER F 51 0.71 -27.00 -12.35
C SER F 51 1.76 -27.73 -11.55
N ASN F 52 1.65 -29.06 -11.50
CA ASN F 52 2.63 -29.87 -10.82
C ASN F 52 2.92 -29.42 -9.36
N GLY F 53 1.87 -29.05 -8.65
CA GLY F 53 1.91 -28.75 -7.25
C GLY F 53 2.32 -27.35 -6.87
N ALA F 54 2.38 -26.45 -7.82
CA ALA F 54 2.84 -25.06 -7.54
C ALA F 54 2.14 -24.09 -8.47
N PHE F 55 2.00 -22.86 -7.98
CA PHE F 55 1.57 -21.74 -8.77
C PHE F 55 2.81 -21.16 -9.43
N ARG F 56 2.81 -20.95 -10.72
CA ARG F 56 4.05 -20.63 -11.47
C ARG F 56 3.78 -19.62 -12.57
N LYS F 57 4.78 -18.79 -12.85
CA LYS F 57 4.72 -17.89 -13.99
C LYS F 57 6.14 -17.54 -14.41
N THR F 58 6.36 -17.36 -15.73
CA THR F 58 7.65 -16.98 -16.28
C THR F 58 7.65 -15.49 -16.69
N PHE F 59 8.80 -14.86 -16.43
CA PHE F 59 9.01 -13.45 -16.68
C PHE F 59 10.33 -13.22 -17.39
N ASN F 60 10.45 -12.10 -18.08
CA ASN F 60 11.74 -11.63 -18.55
C ASN F 60 12.58 -11.17 -17.35
N ALA F 61 13.86 -11.50 -17.35
CA ALA F 61 14.75 -11.07 -16.29
C ALA F 61 16.18 -11.09 -16.82
N VAL F 62 17.13 -10.63 -16.02
CA VAL F 62 18.54 -10.54 -16.38
C VAL F 62 19.35 -11.28 -15.34
N LEU F 63 20.11 -12.28 -15.78
CA LEU F 63 20.89 -13.06 -14.88
C LEU F 63 21.83 -12.15 -14.11
N GLY F 64 21.95 -12.37 -12.79
CA GLY F 64 22.81 -11.60 -11.94
C GLY F 64 22.16 -10.40 -11.30
N GLN F 65 20.95 -10.05 -11.72
CA GLN F 65 20.24 -8.93 -11.09
C GLN F 65 19.44 -9.45 -9.89
N ASP F 66 19.06 -8.51 -9.05
CA ASP F 66 18.29 -8.83 -7.85
C ASP F 66 16.83 -8.46 -8.08
N TYR F 67 15.94 -9.33 -7.61
CA TYR F 67 14.52 -9.16 -7.81
C TYR F 67 13.73 -9.37 -6.58
N LYS F 68 12.61 -8.69 -6.47
CA LYS F 68 11.60 -8.98 -5.47
C LYS F 68 10.61 -9.97 -6.07
N LEU F 69 10.44 -11.10 -5.42
CA LEU F 69 9.40 -12.05 -5.79
C LEU F 69 8.19 -11.80 -4.88
N THR F 70 6.97 -11.86 -5.44
CA THR F 70 5.75 -11.75 -4.61
C THR F 70 4.75 -12.82 -5.06
N PHE F 71 4.09 -13.44 -4.09
CA PHE F 71 2.95 -14.28 -4.32
C PHE F 71 1.80 -13.72 -3.53
N LYS F 72 0.69 -13.43 -4.22
CA LYS F 72 -0.52 -12.93 -3.62
C LYS F 72 -1.61 -13.96 -3.84
N VAL F 73 -2.34 -14.34 -2.80
CA VAL F 73 -3.31 -15.40 -2.98
C VAL F 73 -4.56 -15.14 -2.18
N GLU F 74 -5.71 -15.42 -2.82
CA GLU F 74 -7.01 -15.37 -2.17
C GLU F 74 -7.08 -16.49 -1.12
N ASP F 75 -7.67 -16.25 0.04
CA ASP F 75 -7.69 -17.22 1.12
C ASP F 75 -9.04 -17.15 1.77
N ARG F 76 -9.43 -18.29 2.34
CA ARG F 76 -10.60 -18.38 3.20
C ARG F 76 -11.90 -18.06 2.51
N TYR F 77 -11.96 -18.41 1.25
CA TYR F 77 -13.24 -18.37 0.53
C TYR F 77 -13.93 -17.03 0.60
N GLY F 78 -13.16 -15.99 0.34
CA GLY F 78 -13.70 -14.64 0.28
C GLY F 78 -13.36 -13.80 1.47
N GLN F 79 -12.82 -14.44 2.48
CA GLN F 79 -12.61 -13.79 3.78
C GLN F 79 -11.19 -13.37 4.13
N GLY F 80 -10.25 -13.62 3.24
CA GLY F 80 -8.87 -13.22 3.54
C GLY F 80 -7.99 -13.23 2.33
N GLN F 81 -6.71 -13.07 2.64
CA GLN F 81 -5.68 -13.12 1.63
C GLN F 81 -4.36 -13.26 2.30
N GLN F 82 -3.36 -13.69 1.55
CA GLN F 82 -1.97 -13.67 2.01
C GLN F 82 -1.08 -13.10 0.87
N ILE F 83 -0.11 -12.29 1.31
CA ILE F 83 0.93 -11.76 0.40
C ILE F 83 2.29 -12.09 1.00
N LEU F 84 3.11 -12.72 0.19
CA LEU F 84 4.43 -13.19 0.58
C LEU F 84 5.44 -12.59 -0.35
N ASP F 85 6.50 -11.99 0.21
CA ASP F 85 7.56 -11.39 -0.63
C ASP F 85 8.89 -12.03 -0.19
N ARG F 86 9.79 -12.19 -1.17
CA ARG F 86 11.18 -12.57 -0.88
C ARG F 86 12.09 -12.00 -1.97
N ASN F 87 13.28 -11.55 -1.55
CA ASN F 87 14.28 -11.04 -2.47
C ASN F 87 15.24 -12.13 -2.91
N ILE F 88 15.54 -12.15 -4.20
CA ILE F 88 16.49 -13.13 -4.72
C ILE F 88 17.47 -12.48 -5.66
N THR F 89 18.60 -13.15 -5.89
CA THR F 89 19.47 -12.79 -7.00
C THR F 89 19.19 -13.85 -8.07
N PHE F 90 18.97 -13.46 -9.31
CA PHE F 90 18.66 -14.43 -10.36
C PHE F 90 19.92 -15.15 -10.78
N THR F 91 19.93 -16.45 -10.44
CA THR F 91 21.05 -17.34 -10.72
C THR F 91 20.53 -18.44 -11.66
N THR F 92 21.45 -19.31 -12.05
CA THR F 92 21.11 -20.44 -12.92
C THR F 92 20.54 -21.66 -12.24
N GLN F 93 20.10 -21.55 -10.98
CA GLN F 93 19.49 -22.68 -10.27
C GLN F 93 18.22 -23.18 -10.92
N VAL F 94 18.05 -24.50 -10.83
CA VAL F 94 16.82 -25.13 -11.25
C VAL F 94 16.42 -26.02 -10.09
N CYS F 95 15.24 -25.78 -9.51
CA CYS F 95 14.82 -26.46 -8.29
C CYS F 95 13.57 -27.30 -8.42
N ASN F 96 12.58 -26.83 -9.16
CA ASN F 96 11.30 -27.51 -9.24
C ASN F 96 10.79 -27.43 -10.66
#